data_8FK3
#
_entry.id   8FK3
#
_cell.length_a   78.149
_cell.length_b   89.457
_cell.length_c   99.394
_cell.angle_alpha   90.000
_cell.angle_beta   90.000
_cell.angle_gamma   90.000
#
_symmetry.space_group_name_H-M   'P 21 21 21'
#
loop_
_entity.id
_entity.type
_entity.pdbx_description
1 polymer 'Importin subunit alpha-1'
2 polymer VP1
3 water water
#
loop_
_entity_poly.entity_id
_entity_poly.type
_entity_poly.pdbx_seq_one_letter_code
_entity_poly.pdbx_strand_id
1 'polypeptide(L)'
;MHHHHHHSSGLVPRGSGMLETAAALFERNHMDSPDLGTDDDDLAMADIGSNQGTVNWSVEDIVKGINSNNLESQLQATQA
ARKLLSREKQPPIDNIIRAGLIPKFVSFLGKTDCSPIQFESAWALTNIASGTSEQTKAVVDGGAIPAFISLLASPHAHIS
EQAVWALGNIAGDGSAFRDLVIKHGAIDPLLALLAVPDLSTLACGYLRNLTWTLSNLCRNKNPAPPLDAVEQILPTLVRL
LHHNDPEVLADSCWAISYLTDGPNERIEMVVKKGVVPQLVKLLGATELPIVTPALRAIGNIVTGTDEQTQKVIDAGALAV
FPSLLTNPKTNIQKEATWTMSNITAGRQDQIQQVVNHGLVPFLVGVLSKADFKTQKEAAWAITNYTSGGTVEQIVYLVHC
GIIEPLMNLLSAKDTKIIQVILDAISNIFQAAEKLGETEKLSIMIEECGGLDKIEALQRHENESVYKASLNLIEKYFSVE
EEEDQNVVPETTSEGFAFQVQDGAPGTFNF
;
A
2 'polypeptide(L)' QAKKRVLEPFGLVEEPVKTAAKGERIDDHYPKKKKARIEE B
#
# COMPACT_ATOMS: atom_id res chain seq x y z
N GLY A 53 35.07 -11.20 -21.02
CA GLY A 53 35.12 -12.47 -21.73
C GLY A 53 33.81 -12.82 -22.40
N THR A 54 32.71 -12.34 -21.80
CA THR A 54 31.37 -12.57 -22.34
C THR A 54 30.58 -11.27 -22.30
N VAL A 55 31.13 -10.22 -22.90
CA VAL A 55 30.52 -8.89 -22.90
C VAL A 55 30.25 -8.48 -24.34
N ASN A 56 29.05 -7.94 -24.58
CA ASN A 56 28.67 -7.42 -25.89
C ASN A 56 28.46 -8.55 -26.90
N TRP A 57 27.93 -9.67 -26.43
CA TRP A 57 27.62 -10.78 -27.32
C TRP A 57 26.39 -10.45 -28.17
N SER A 58 26.28 -11.11 -29.31
CA SER A 58 25.12 -11.02 -30.17
C SER A 58 24.17 -12.17 -29.87
N VAL A 59 22.87 -11.90 -30.02
CA VAL A 59 21.87 -12.95 -29.76
C VAL A 59 22.14 -14.16 -30.64
N GLU A 60 22.63 -13.94 -31.86
CA GLU A 60 22.99 -15.07 -32.72
C GLU A 60 24.09 -15.91 -32.09
N ASP A 61 25.12 -15.25 -31.55
CA ASP A 61 26.19 -15.99 -30.89
C ASP A 61 25.68 -16.73 -29.67
N ILE A 62 24.79 -16.11 -28.90
CA ILE A 62 24.22 -16.77 -27.72
C ILE A 62 23.47 -18.01 -28.15
N VAL A 63 22.66 -17.91 -29.19
CA VAL A 63 21.89 -19.07 -29.66
C VAL A 63 22.84 -20.15 -30.16
N LYS A 64 23.89 -19.77 -30.88
CA LYS A 64 24.84 -20.75 -31.37
C LYS A 64 25.52 -21.49 -30.22
N GLY A 65 25.89 -20.76 -29.17
CA GLY A 65 26.51 -21.40 -28.03
C GLY A 65 25.57 -22.27 -27.23
N ILE A 66 24.30 -21.87 -27.15
CA ILE A 66 23.33 -22.67 -26.40
C ILE A 66 22.99 -23.94 -27.18
N ASN A 67 22.90 -23.85 -28.51
CA ASN A 67 22.56 -25.00 -29.33
C ASN A 67 23.68 -26.03 -29.42
N SER A 68 24.87 -25.70 -28.94
CA SER A 68 25.97 -26.67 -28.94
C SER A 68 25.76 -27.70 -27.84
N ASN A 69 26.29 -28.90 -28.07
CA ASN A 69 26.22 -29.98 -27.10
C ASN A 69 27.29 -29.86 -26.03
N ASN A 70 27.97 -28.71 -25.94
CA ASN A 70 29.06 -28.50 -25.00
C ASN A 70 28.52 -27.73 -23.80
N LEU A 71 28.48 -28.40 -22.63
CA LEU A 71 27.94 -27.76 -21.45
C LEU A 71 28.69 -26.47 -21.12
N GLU A 72 30.00 -26.44 -21.36
CA GLU A 72 30.78 -25.25 -21.04
C GLU A 72 30.48 -24.11 -22.02
N SER A 73 30.36 -24.43 -23.31
CA SER A 73 29.94 -23.42 -24.27
C SER A 73 28.54 -22.92 -23.94
N GLN A 74 27.65 -23.83 -23.53
CA GLN A 74 26.31 -23.41 -23.13
C GLN A 74 26.37 -22.48 -21.93
N LEU A 75 27.23 -22.77 -20.96
CA LEU A 75 27.37 -21.90 -19.80
C LEU A 75 27.91 -20.53 -20.19
N GLN A 76 28.90 -20.50 -21.09
CA GLN A 76 29.42 -19.21 -21.56
C GLN A 76 28.32 -18.40 -22.25
N ALA A 77 27.54 -19.05 -23.12
CA ALA A 77 26.48 -18.35 -23.82
C ALA A 77 25.41 -17.85 -22.85
N THR A 78 25.07 -18.67 -21.85
CA THR A 78 24.07 -18.25 -20.86
C THR A 78 24.60 -17.09 -20.05
N GLN A 79 25.91 -17.08 -19.79
CA GLN A 79 26.46 -16.00 -18.99
C GLN A 79 26.38 -14.72 -19.77
N ALA A 80 26.71 -14.84 -21.05
CA ALA A 80 26.65 -13.70 -21.95
C ALA A 80 25.23 -13.15 -22.05
N ALA A 81 24.23 -14.04 -22.13
CA ALA A 81 22.84 -13.62 -22.15
C ALA A 81 22.49 -12.88 -20.85
N ARG A 82 22.94 -13.41 -19.71
CA ARG A 82 22.69 -12.75 -18.44
C ARG A 82 23.30 -11.35 -18.43
N LYS A 83 24.55 -11.23 -18.86
CA LYS A 83 25.20 -9.92 -18.88
C LYS A 83 24.47 -8.97 -19.81
N LEU A 84 23.94 -9.49 -20.90
CA LEU A 84 23.31 -8.62 -21.87
C LEU A 84 21.97 -8.13 -21.33
N LEU A 85 21.31 -8.99 -20.56
CA LEU A 85 20.08 -8.62 -19.88
C LEU A 85 20.30 -7.84 -18.59
N SER A 86 21.54 -7.69 -18.15
CA SER A 86 21.87 -6.95 -16.94
C SER A 86 22.34 -5.53 -17.23
N ARG A 87 21.93 -4.95 -18.35
CA ARG A 87 22.24 -3.57 -18.68
C ARG A 87 21.01 -2.71 -18.47
N GLU A 88 21.22 -1.52 -17.88
CA GLU A 88 20.09 -0.65 -17.57
C GLU A 88 19.36 -0.20 -18.83
N LYS A 89 20.07 -0.03 -19.93
CA LYS A 89 19.52 0.58 -21.13
C LYS A 89 19.08 -0.51 -22.10
N GLN A 90 17.76 -0.70 -22.21
CA GLN A 90 17.15 -1.52 -23.24
C GLN A 90 17.72 -2.93 -23.26
N PRO A 91 17.42 -3.76 -22.25
CA PRO A 91 17.77 -5.18 -22.34
C PRO A 91 16.99 -5.86 -23.44
N PRO A 92 17.65 -6.63 -24.31
CA PRO A 92 16.93 -7.24 -25.46
C PRO A 92 16.07 -8.43 -25.06
N ILE A 93 15.16 -8.20 -24.12
CA ILE A 93 14.32 -9.29 -23.60
C ILE A 93 13.52 -9.91 -24.73
N ASP A 94 12.91 -9.06 -25.58
CA ASP A 94 12.07 -9.58 -26.65
C ASP A 94 12.88 -10.41 -27.65
N ASN A 95 14.10 -9.96 -27.96
CA ASN A 95 14.96 -10.73 -28.86
C ASN A 95 15.30 -12.08 -28.27
N ILE A 96 15.63 -12.12 -26.98
CA ILE A 96 15.97 -13.38 -26.34
C ILE A 96 14.77 -14.32 -26.33
N ILE A 97 13.58 -13.79 -26.05
CA ILE A 97 12.39 -14.62 -26.05
C ILE A 97 12.12 -15.18 -27.44
N ARG A 98 12.18 -14.31 -28.45
CA ARG A 98 11.89 -14.74 -29.81
C ARG A 98 12.85 -15.83 -30.27
N ALA A 99 14.10 -15.80 -29.79
CA ALA A 99 15.06 -16.84 -30.13
C ALA A 99 14.71 -18.20 -29.53
N GLY A 100 13.70 -18.27 -28.68
CA GLY A 100 13.30 -19.53 -28.08
C GLY A 100 14.28 -20.05 -27.04
N LEU A 101 14.88 -19.15 -26.27
CA LEU A 101 15.89 -19.54 -25.30
C LEU A 101 15.33 -19.83 -23.92
N ILE A 102 14.10 -19.38 -23.62
CA ILE A 102 13.52 -19.61 -22.30
C ILE A 102 13.48 -21.09 -21.97
N PRO A 103 13.01 -21.98 -22.86
CA PRO A 103 13.04 -23.41 -22.53
C PRO A 103 14.44 -23.92 -22.20
N LYS A 104 15.45 -23.44 -22.92
CA LYS A 104 16.81 -23.87 -22.65
C LYS A 104 17.27 -23.41 -21.26
N PHE A 105 16.96 -22.16 -20.90
CA PHE A 105 17.33 -21.68 -19.57
C PHE A 105 16.60 -22.46 -18.49
N VAL A 106 15.33 -22.78 -18.71
CA VAL A 106 14.58 -23.56 -17.73
C VAL A 106 15.19 -24.94 -17.57
N SER A 107 15.61 -25.56 -18.68
CA SER A 107 16.27 -26.86 -18.59
C SER A 107 17.59 -26.73 -17.84
N PHE A 108 18.34 -25.66 -18.09
CA PHE A 108 19.61 -25.47 -17.40
C PHE A 108 19.40 -25.30 -15.91
N LEU A 109 18.29 -24.68 -15.50
CA LEU A 109 18.00 -24.50 -14.08
C LEU A 109 18.07 -25.80 -13.30
N GLY A 110 17.87 -26.94 -13.97
CA GLY A 110 17.85 -28.23 -13.32
C GLY A 110 19.15 -29.01 -13.39
N LYS A 111 20.23 -28.41 -13.89
CA LYS A 111 21.52 -29.09 -13.97
C LYS A 111 22.24 -28.91 -12.64
N THR A 112 21.84 -29.73 -11.66
CA THR A 112 22.44 -29.65 -10.34
C THR A 112 23.93 -29.94 -10.38
N ASP A 113 24.38 -30.72 -11.37
CA ASP A 113 25.79 -31.04 -11.50
C ASP A 113 26.61 -29.85 -11.96
N CYS A 114 25.98 -28.76 -12.42
CA CYS A 114 26.68 -27.56 -12.88
C CYS A 114 25.93 -26.35 -12.31
N SER A 115 26.26 -26.01 -11.06
CA SER A 115 25.59 -24.88 -10.41
C SER A 115 25.87 -23.55 -11.09
N PRO A 116 27.02 -23.30 -11.73
CA PRO A 116 27.21 -22.01 -12.41
C PRO A 116 26.15 -21.74 -13.47
N ILE A 117 25.85 -22.72 -14.32
CA ILE A 117 24.83 -22.52 -15.33
C ILE A 117 23.47 -22.37 -14.69
N GLN A 118 23.22 -23.07 -13.58
CA GLN A 118 21.98 -22.87 -12.84
C GLN A 118 21.82 -21.41 -12.44
N PHE A 119 22.87 -20.84 -11.83
CA PHE A 119 22.81 -19.45 -11.39
C PHE A 119 22.63 -18.50 -12.57
N GLU A 120 23.36 -18.73 -13.66
CA GLU A 120 23.27 -17.83 -14.80
C GLU A 120 21.88 -17.87 -15.42
N SER A 121 21.33 -19.07 -15.61
CA SER A 121 19.98 -19.18 -16.17
C SER A 121 18.95 -18.57 -15.22
N ALA A 122 19.13 -18.75 -13.91
CA ALA A 122 18.21 -18.14 -12.95
C ALA A 122 18.24 -16.63 -13.06
N TRP A 123 19.44 -16.04 -13.15
CA TRP A 123 19.57 -14.60 -13.31
C TRP A 123 18.89 -14.13 -14.60
N ALA A 124 19.17 -14.80 -15.71
CA ALA A 124 18.59 -14.41 -16.98
C ALA A 124 17.07 -14.46 -16.94
N LEU A 125 16.51 -15.56 -16.42
CA LEU A 125 15.07 -15.69 -16.34
C LEU A 125 14.46 -14.70 -15.37
N THR A 126 15.18 -14.37 -14.29
CA THR A 126 14.71 -13.33 -13.39
C THR A 126 14.57 -12.01 -14.11
N ASN A 127 15.61 -11.63 -14.87
CA ASN A 127 15.56 -10.35 -15.58
C ASN A 127 14.47 -10.36 -16.65
N ILE A 128 14.28 -11.48 -17.32
CA ILE A 128 13.21 -11.57 -18.32
C ILE A 128 11.85 -11.41 -17.65
N ALA A 129 11.61 -12.16 -16.58
CA ALA A 129 10.34 -12.12 -15.89
C ALA A 129 10.07 -10.78 -15.20
N SER A 130 11.07 -9.91 -15.12
CA SER A 130 10.90 -8.61 -14.50
C SER A 130 10.30 -7.57 -15.44
N GLY A 131 9.92 -7.97 -16.64
CA GLY A 131 9.43 -7.06 -17.66
C GLY A 131 7.92 -7.03 -17.73
N THR A 132 7.40 -6.90 -18.95
CA THR A 132 5.96 -6.81 -19.15
C THR A 132 5.29 -8.13 -18.75
N SER A 133 3.97 -8.09 -18.67
CA SER A 133 3.20 -9.31 -18.39
C SER A 133 3.44 -10.36 -19.47
N GLU A 134 3.64 -9.94 -20.72
CA GLU A 134 3.90 -10.89 -21.78
C GLU A 134 5.21 -11.63 -21.55
N GLN A 135 6.25 -10.92 -21.11
CA GLN A 135 7.55 -11.56 -20.90
C GLN A 135 7.52 -12.47 -19.67
N THR A 136 6.87 -12.03 -18.59
CA THR A 136 6.71 -12.91 -17.44
C THR A 136 5.91 -14.16 -17.82
N LYS A 137 4.88 -14.00 -18.65
CA LYS A 137 4.13 -15.15 -19.12
C LYS A 137 5.01 -16.06 -19.97
N ALA A 138 5.90 -15.48 -20.77
CA ALA A 138 6.83 -16.30 -21.55
C ALA A 138 7.72 -17.12 -20.63
N VAL A 139 8.19 -16.52 -19.55
CA VAL A 139 9.02 -17.25 -18.61
C VAL A 139 8.22 -18.37 -17.93
N VAL A 140 6.97 -18.07 -17.57
CA VAL A 140 6.15 -19.06 -16.87
C VAL A 140 5.79 -20.21 -17.80
N ASP A 141 5.55 -19.91 -19.08
CA ASP A 141 5.13 -20.93 -20.03
C ASP A 141 6.21 -21.98 -20.27
N GLY A 142 7.47 -21.64 -20.00
CA GLY A 142 8.54 -22.61 -20.12
C GLY A 142 8.68 -23.56 -18.96
N GLY A 143 7.75 -23.51 -18.01
CA GLY A 143 7.83 -24.37 -16.85
C GLY A 143 8.83 -23.93 -15.82
N ALA A 144 9.06 -22.62 -15.69
CA ALA A 144 10.10 -22.12 -14.79
C ALA A 144 9.68 -22.12 -13.32
N ILE A 145 8.38 -22.12 -13.03
CA ILE A 145 7.91 -22.03 -11.66
C ILE A 145 8.36 -23.27 -10.88
N PRO A 146 8.05 -24.49 -11.37
CA PRO A 146 8.53 -25.67 -10.63
C PRO A 146 10.04 -25.75 -10.53
N ALA A 147 10.76 -25.33 -11.58
CA ALA A 147 12.22 -25.36 -11.53
C ALA A 147 12.75 -24.42 -10.46
N PHE A 148 12.21 -23.21 -10.37
CA PHE A 148 12.65 -22.27 -9.35
C PHE A 148 12.28 -22.76 -7.96
N ILE A 149 11.10 -23.37 -7.80
CA ILE A 149 10.72 -23.90 -6.50
C ILE A 149 11.65 -25.03 -6.10
N SER A 150 12.11 -25.82 -7.07
CA SER A 150 13.08 -26.87 -6.78
C SER A 150 14.42 -26.27 -6.38
N LEU A 151 14.86 -25.24 -7.09
CA LEU A 151 16.15 -24.63 -6.78
C LEU A 151 16.12 -23.86 -5.45
N LEU A 152 14.92 -23.54 -4.95
CA LEU A 152 14.85 -22.90 -3.64
C LEU A 152 15.59 -23.70 -2.59
N ALA A 153 15.69 -25.03 -2.78
CA ALA A 153 16.39 -25.90 -1.84
C ALA A 153 17.84 -26.15 -2.23
N SER A 154 18.41 -25.32 -3.10
CA SER A 154 19.78 -25.52 -3.53
C SER A 154 20.74 -25.33 -2.35
N PRO A 155 21.88 -26.04 -2.35
CA PRO A 155 22.87 -25.83 -1.29
C PRO A 155 23.63 -24.51 -1.42
N HIS A 156 23.52 -23.82 -2.56
CA HIS A 156 24.20 -22.56 -2.79
C HIS A 156 23.23 -21.42 -2.49
N ALA A 157 23.63 -20.54 -1.57
CA ALA A 157 22.73 -19.45 -1.16
C ALA A 157 22.44 -18.50 -2.31
N HIS A 158 23.45 -18.24 -3.15
CA HIS A 158 23.27 -17.28 -4.24
C HIS A 158 22.38 -17.83 -5.36
N ILE A 159 22.09 -19.13 -5.37
CA ILE A 159 21.16 -19.69 -6.33
C ILE A 159 19.74 -19.73 -5.76
N SER A 160 19.59 -20.10 -4.49
CA SER A 160 18.29 -20.04 -3.85
C SER A 160 17.77 -18.61 -3.79
N GLU A 161 18.68 -17.65 -3.59
CA GLU A 161 18.28 -16.25 -3.60
C GLU A 161 17.76 -15.83 -4.97
N GLN A 162 18.41 -16.29 -6.03
CA GLN A 162 17.95 -15.96 -7.38
C GLN A 162 16.61 -16.62 -7.67
N ALA A 163 16.41 -17.85 -7.19
CA ALA A 163 15.12 -18.50 -7.32
C ALA A 163 14.04 -17.69 -6.60
N VAL A 164 14.35 -17.22 -5.39
CA VAL A 164 13.40 -16.37 -4.65
C VAL A 164 13.07 -15.13 -5.45
N TRP A 165 14.08 -14.49 -6.03
CA TRP A 165 13.87 -13.27 -6.81
C TRP A 165 12.98 -13.54 -8.02
N ALA A 166 13.24 -14.64 -8.74
CA ALA A 166 12.45 -14.94 -9.92
C ALA A 166 11.00 -15.23 -9.54
N LEU A 167 10.80 -16.05 -8.51
CA LEU A 167 9.44 -16.33 -8.05
C LEU A 167 8.75 -15.06 -7.59
N GLY A 168 9.49 -14.14 -6.97
CA GLY A 168 8.89 -12.87 -6.57
C GLY A 168 8.43 -12.05 -7.75
N ASN A 169 9.25 -11.96 -8.79
CA ASN A 169 8.82 -11.28 -10.01
C ASN A 169 7.55 -11.92 -10.56
N ILE A 170 7.56 -13.24 -10.70
CA ILE A 170 6.40 -13.95 -11.26
C ILE A 170 5.15 -13.65 -10.45
N ALA A 171 5.25 -13.78 -9.12
CA ALA A 171 4.09 -13.52 -8.28
C ALA A 171 3.64 -12.07 -8.37
N GLY A 172 4.60 -11.14 -8.44
CA GLY A 172 4.27 -9.74 -8.53
C GLY A 172 3.62 -9.34 -9.83
N ASP A 173 3.74 -10.18 -10.86
CA ASP A 173 3.03 -9.89 -12.11
C ASP A 173 1.54 -9.66 -11.85
N GLY A 174 0.93 -10.51 -11.04
CA GLY A 174 -0.48 -10.38 -10.76
C GLY A 174 -1.00 -11.55 -9.95
N SER A 175 -2.31 -11.47 -9.65
CA SER A 175 -2.92 -12.46 -8.77
C SER A 175 -2.97 -13.85 -9.42
N ALA A 176 -3.06 -13.91 -10.75
CA ALA A 176 -3.10 -15.20 -11.42
C ALA A 176 -1.79 -15.96 -11.23
N PHE A 177 -0.67 -15.34 -11.64
CA PHE A 177 0.62 -16.00 -11.47
C PHE A 177 0.96 -16.16 -9.98
N ARG A 178 0.48 -15.25 -9.13
CA ARG A 178 0.70 -15.40 -7.70
C ARG A 178 0.05 -16.68 -7.18
N ASP A 179 -1.24 -16.87 -7.50
CA ASP A 179 -1.93 -18.08 -7.08
C ASP A 179 -1.32 -19.32 -7.72
N LEU A 180 -0.77 -19.19 -8.93
CA LEU A 180 -0.13 -20.34 -9.57
C LEU A 180 1.16 -20.71 -8.84
N VAL A 181 1.96 -19.71 -8.46
CA VAL A 181 3.16 -19.98 -7.68
C VAL A 181 2.79 -20.62 -6.36
N ILE A 182 1.72 -20.14 -5.73
CA ILE A 182 1.28 -20.73 -4.47
C ILE A 182 0.80 -22.16 -4.68
N LYS A 183 0.23 -22.45 -5.86
CA LYS A 183 -0.27 -23.80 -6.13
C LYS A 183 0.88 -24.78 -6.34
N HIS A 184 2.00 -24.32 -6.88
CA HIS A 184 3.16 -25.18 -7.07
C HIS A 184 3.91 -25.44 -5.77
N GLY A 185 3.49 -24.84 -4.66
CA GLY A 185 4.06 -25.13 -3.36
C GLY A 185 5.34 -24.38 -3.08
N ALA A 186 5.32 -23.07 -3.27
CA ALA A 186 6.50 -22.24 -3.01
C ALA A 186 6.54 -21.73 -1.57
N ILE A 187 5.38 -21.55 -0.94
CA ILE A 187 5.34 -20.97 0.40
C ILE A 187 6.13 -21.83 1.37
N ASP A 188 5.98 -23.16 1.29
CA ASP A 188 6.67 -24.03 2.23
C ASP A 188 8.19 -23.85 2.16
N PRO A 189 8.84 -24.03 1.02
CA PRO A 189 10.30 -23.82 0.99
C PRO A 189 10.71 -22.38 1.25
N LEU A 190 9.93 -21.41 0.77
CA LEU A 190 10.27 -20.01 1.03
C LEU A 190 10.33 -19.74 2.53
N LEU A 191 9.32 -20.20 3.27
CA LEU A 191 9.32 -19.99 4.71
C LEU A 191 10.36 -20.85 5.41
N ALA A 192 10.61 -22.06 4.91
CA ALA A 192 11.66 -22.88 5.48
C ALA A 192 13.01 -22.19 5.38
N LEU A 193 13.24 -21.43 4.32
CA LEU A 193 14.47 -20.67 4.19
C LEU A 193 14.64 -19.63 5.30
N LEU A 194 13.57 -19.32 6.03
CA LEU A 194 13.61 -18.34 7.11
C LEU A 194 13.48 -18.97 8.49
N ALA A 195 13.47 -20.30 8.56
CA ALA A 195 13.34 -21.01 9.84
C ALA A 195 14.71 -21.05 10.52
N VAL A 196 15.07 -19.92 11.12
CA VAL A 196 16.35 -19.78 11.83
C VAL A 196 16.09 -19.18 13.20
N PRO A 197 16.89 -19.51 14.22
CA PRO A 197 16.67 -18.89 15.53
C PRO A 197 16.67 -17.37 15.50
N ASP A 198 17.71 -16.78 14.90
CA ASP A 198 17.85 -15.33 14.82
C ASP A 198 17.95 -14.94 13.36
N LEU A 199 17.07 -14.03 12.92
CA LEU A 199 17.07 -13.63 11.52
C LEU A 199 18.34 -12.86 11.14
N SER A 200 19.08 -12.36 12.12
CA SER A 200 20.26 -11.56 11.82
C SER A 200 21.44 -12.39 11.33
N THR A 201 21.38 -13.71 11.45
CA THR A 201 22.45 -14.57 10.97
C THR A 201 22.41 -14.78 9.47
N LEU A 202 21.34 -14.36 8.80
CA LEU A 202 21.23 -14.48 7.36
C LEU A 202 21.77 -13.24 6.67
N ALA A 203 22.16 -13.40 5.41
CA ALA A 203 22.67 -12.28 4.63
C ALA A 203 21.59 -11.21 4.48
N CYS A 204 22.01 -9.94 4.56
CA CYS A 204 21.06 -8.84 4.47
C CYS A 204 20.26 -8.89 3.18
N GLY A 205 20.96 -8.97 2.04
CA GLY A 205 20.26 -9.01 0.77
C GLY A 205 19.38 -10.24 0.61
N TYR A 206 19.86 -11.38 1.12
CA TYR A 206 19.05 -12.60 1.11
C TYR A 206 17.72 -12.39 1.82
N LEU A 207 17.78 -11.88 3.05
CA LEU A 207 16.55 -11.64 3.81
C LEU A 207 15.67 -10.60 3.13
N ARG A 208 16.28 -9.56 2.56
CA ARG A 208 15.49 -8.54 1.88
C ARG A 208 14.75 -9.12 0.69
N ASN A 209 15.43 -9.95 -0.11
CA ASN A 209 14.77 -10.57 -1.25
C ASN A 209 13.65 -11.50 -0.80
N LEU A 210 13.90 -12.29 0.25
CA LEU A 210 12.86 -13.18 0.76
C LEU A 210 11.64 -12.39 1.21
N THR A 211 11.86 -11.31 1.96
CA THR A 211 10.76 -10.48 2.43
C THR A 211 10.00 -9.87 1.27
N TRP A 212 10.72 -9.40 0.24
CA TRP A 212 10.05 -8.80 -0.91
C TRP A 212 9.20 -9.83 -1.64
N THR A 213 9.73 -11.03 -1.83
CA THR A 213 8.96 -12.07 -2.52
C THR A 213 7.73 -12.46 -1.72
N LEU A 214 7.86 -12.54 -0.39
CA LEU A 214 6.69 -12.82 0.43
C LEU A 214 5.65 -11.71 0.32
N SER A 215 6.10 -10.45 0.34
CA SER A 215 5.17 -9.35 0.17
C SER A 215 4.43 -9.45 -1.16
N ASN A 216 5.16 -9.79 -2.23
CA ASN A 216 4.52 -9.96 -3.53
C ASN A 216 3.51 -11.11 -3.49
N LEU A 217 3.83 -12.17 -2.76
CA LEU A 217 2.87 -13.26 -2.57
C LEU A 217 1.68 -12.83 -1.75
N CYS A 218 1.80 -11.71 -1.02
CA CYS A 218 0.68 -11.19 -0.24
C CYS A 218 -0.12 -10.13 -0.98
N ARG A 219 0.40 -9.57 -2.07
CA ARG A 219 -0.18 -8.37 -2.66
C ARG A 219 -1.19 -8.73 -3.74
N ASN A 220 -1.86 -7.70 -4.25
CA ASN A 220 -2.87 -7.80 -5.30
C ASN A 220 -4.17 -8.38 -4.78
N LYS A 221 -5.29 -7.92 -5.32
CA LYS A 221 -6.61 -8.39 -4.96
C LYS A 221 -7.36 -8.82 -6.22
N ASN A 222 -8.64 -9.12 -6.09
CA ASN A 222 -9.47 -9.55 -7.22
C ASN A 222 -8.81 -10.72 -7.95
N PRO A 223 -8.60 -11.85 -7.27
CA PRO A 223 -8.93 -12.07 -5.86
C PRO A 223 -7.74 -11.83 -4.92
N ALA A 224 -8.02 -11.73 -3.62
CA ALA A 224 -6.97 -11.64 -2.62
C ALA A 224 -6.26 -12.99 -2.50
N PRO A 225 -5.11 -13.03 -1.84
CA PRO A 225 -4.38 -14.29 -1.69
C PRO A 225 -5.25 -15.33 -1.00
N PRO A 226 -4.98 -16.62 -1.21
CA PRO A 226 -5.77 -17.66 -0.51
C PRO A 226 -5.68 -17.49 1.00
N LEU A 227 -6.86 -17.56 1.65
CA LEU A 227 -6.91 -17.34 3.09
C LEU A 227 -5.96 -18.27 3.83
N ASP A 228 -5.93 -19.56 3.45
CA ASP A 228 -5.02 -20.49 4.11
C ASP A 228 -3.56 -20.13 3.85
N ALA A 229 -3.26 -19.62 2.65
CA ALA A 229 -1.90 -19.17 2.37
C ALA A 229 -1.53 -17.97 3.26
N VAL A 230 -2.46 -17.04 3.45
CA VAL A 230 -2.19 -15.90 4.31
C VAL A 230 -1.99 -16.37 5.75
N GLU A 231 -2.81 -17.31 6.22
CA GLU A 231 -2.62 -17.85 7.56
C GLU A 231 -1.26 -18.51 7.69
N GLN A 232 -0.82 -19.19 6.64
CA GLN A 232 0.50 -19.82 6.67
C GLN A 232 1.62 -18.80 6.72
N ILE A 233 1.47 -17.68 6.01
CA ILE A 233 2.56 -16.73 5.89
C ILE A 233 2.61 -15.74 7.04
N LEU A 234 1.48 -15.45 7.70
CA LEU A 234 1.44 -14.33 8.63
C LEU A 234 2.46 -14.41 9.75
N PRO A 235 2.68 -15.56 10.41
CA PRO A 235 3.67 -15.58 11.50
C PRO A 235 5.05 -15.11 11.06
N THR A 236 5.50 -15.54 9.88
CA THR A 236 6.79 -15.10 9.39
C THR A 236 6.82 -13.61 9.13
N LEU A 237 5.69 -13.04 8.66
CA LEU A 237 5.65 -11.59 8.48
C LEU A 237 5.70 -10.86 9.82
N VAL A 238 5.06 -11.41 10.85
CA VAL A 238 5.20 -10.82 12.17
C VAL A 238 6.67 -10.80 12.59
N ARG A 239 7.33 -11.96 12.47
CA ARG A 239 8.75 -12.03 12.81
C ARG A 239 9.56 -11.00 12.04
N LEU A 240 9.33 -10.89 10.73
CA LEU A 240 10.08 -9.94 9.91
C LEU A 240 9.77 -8.50 10.30
N LEU A 241 8.52 -8.23 10.67
CA LEU A 241 8.11 -6.90 11.09
C LEU A 241 8.80 -6.47 12.36
N HIS A 242 9.28 -7.41 13.17
CA HIS A 242 10.06 -7.10 14.35
C HIS A 242 11.55 -7.11 14.05
N HIS A 243 11.94 -7.25 12.80
CA HIS A 243 13.34 -7.16 12.42
C HIS A 243 13.80 -5.70 12.45
N ASN A 244 15.11 -5.50 12.24
CA ASN A 244 15.71 -4.18 12.38
C ASN A 244 16.21 -3.58 11.07
N ASP A 245 16.26 -4.36 9.99
CA ASP A 245 16.71 -3.81 8.71
C ASP A 245 15.63 -2.90 8.13
N PRO A 246 15.95 -1.64 7.79
CA PRO A 246 14.88 -0.73 7.34
C PRO A 246 14.14 -1.21 6.10
N GLU A 247 14.86 -1.77 5.12
CA GLU A 247 14.21 -2.21 3.89
C GLU A 247 13.33 -3.43 4.12
N VAL A 248 13.79 -4.36 4.96
CA VAL A 248 12.96 -5.50 5.33
C VAL A 248 11.72 -5.03 6.06
N LEU A 249 11.87 -4.05 6.95
CA LEU A 249 10.72 -3.51 7.68
C LEU A 249 9.73 -2.86 6.72
N ALA A 250 10.23 -2.10 5.75
CA ALA A 250 9.35 -1.47 4.77
C ALA A 250 8.57 -2.52 3.97
N ASP A 251 9.27 -3.57 3.52
CA ASP A 251 8.60 -4.60 2.74
C ASP A 251 7.58 -5.35 3.58
N SER A 252 7.88 -5.61 4.86
CA SER A 252 6.92 -6.28 5.73
C SER A 252 5.70 -5.42 5.97
N CYS A 253 5.90 -4.12 6.20
CA CYS A 253 4.77 -3.22 6.36
C CYS A 253 3.92 -3.17 5.10
N TRP A 254 4.57 -3.18 3.92
CA TRP A 254 3.82 -3.19 2.68
C TRP A 254 3.00 -4.47 2.56
N ALA A 255 3.58 -5.61 2.92
CA ALA A 255 2.83 -6.86 2.89
C ALA A 255 1.62 -6.79 3.81
N ILE A 256 1.81 -6.27 5.03
CA ILE A 256 0.69 -6.16 5.96
C ILE A 256 -0.38 -5.23 5.41
N SER A 257 0.03 -4.11 4.81
CA SER A 257 -0.94 -3.20 4.21
C SER A 257 -1.70 -3.88 3.08
N TYR A 258 -1.02 -4.75 2.32
CA TYR A 258 -1.72 -5.53 1.30
C TYR A 258 -2.78 -6.42 1.95
N LEU A 259 -2.40 -7.12 3.01
CA LEU A 259 -3.33 -8.07 3.63
C LEU A 259 -4.50 -7.37 4.30
N THR A 260 -4.29 -6.14 4.81
CA THR A 260 -5.36 -5.43 5.50
C THR A 260 -6.28 -4.68 4.56
N ASP A 261 -6.00 -4.69 3.25
CA ASP A 261 -6.83 -3.99 2.27
C ASP A 261 -7.85 -4.97 1.72
N GLY A 262 -9.00 -5.06 2.37
CA GLY A 262 -10.06 -5.94 1.94
C GLY A 262 -11.17 -6.06 2.96
N PRO A 263 -11.99 -7.10 2.83
CA PRO A 263 -13.08 -7.30 3.80
C PRO A 263 -12.56 -7.41 5.22
N ASN A 264 -13.47 -7.17 6.18
CA ASN A 264 -13.08 -7.14 7.59
C ASN A 264 -12.54 -8.47 8.07
N GLU A 265 -12.79 -9.57 7.35
CA GLU A 265 -12.22 -10.85 7.74
C GLU A 265 -10.69 -10.82 7.68
N ARG A 266 -10.14 -10.19 6.65
CA ARG A 266 -8.68 -10.10 6.53
C ARG A 266 -8.10 -9.18 7.59
N ILE A 267 -8.75 -8.04 7.82
CA ILE A 267 -8.32 -7.14 8.88
C ILE A 267 -8.30 -7.88 10.22
N GLU A 268 -9.31 -8.71 10.47
CA GLU A 268 -9.35 -9.47 11.71
C GLU A 268 -8.23 -10.50 11.75
N MET A 269 -7.98 -11.18 10.63
CA MET A 269 -6.85 -12.10 10.56
C MET A 269 -5.57 -11.41 11.00
N VAL A 270 -5.34 -10.19 10.50
CA VAL A 270 -4.09 -9.49 10.78
C VAL A 270 -4.07 -9.01 12.23
N VAL A 271 -5.20 -8.49 12.73
CA VAL A 271 -5.22 -7.89 14.05
C VAL A 271 -5.15 -8.94 15.14
N LYS A 272 -5.68 -10.14 14.89
CA LYS A 272 -5.63 -11.21 15.88
C LYS A 272 -4.20 -11.61 16.21
N LYS A 273 -3.25 -11.35 15.29
CA LYS A 273 -1.85 -11.65 15.54
C LYS A 273 -1.18 -10.62 16.43
N GLY A 274 -1.86 -9.52 16.75
CA GLY A 274 -1.33 -8.54 17.68
C GLY A 274 -0.22 -7.69 17.13
N VAL A 275 -0.23 -7.42 15.82
CA VAL A 275 0.84 -6.61 15.22
C VAL A 275 0.53 -5.12 15.23
N VAL A 276 -0.67 -4.73 15.68
CA VAL A 276 -1.04 -3.31 15.65
C VAL A 276 -0.06 -2.48 16.47
N PRO A 277 0.34 -2.87 17.68
CA PRO A 277 1.34 -2.06 18.40
C PRO A 277 2.63 -1.88 17.63
N GLN A 278 3.15 -2.94 17.01
CA GLN A 278 4.35 -2.81 16.21
C GLN A 278 4.11 -1.90 15.01
N LEU A 279 2.90 -1.96 14.44
CA LEU A 279 2.58 -1.09 13.31
C LEU A 279 2.60 0.38 13.75
N VAL A 280 2.09 0.67 14.94
CA VAL A 280 2.12 2.03 15.44
C VAL A 280 3.57 2.46 15.72
N LYS A 281 4.35 1.57 16.32
CA LYS A 281 5.77 1.85 16.52
C LYS A 281 6.44 2.26 15.22
N LEU A 282 6.26 1.45 14.17
CA LEU A 282 6.83 1.77 12.87
C LEU A 282 6.22 3.04 12.29
N LEU A 283 4.97 3.33 12.63
CA LEU A 283 4.37 4.60 12.24
C LEU A 283 5.16 5.77 12.80
N GLY A 284 5.73 5.59 14.00
CA GLY A 284 6.59 6.59 14.57
C GLY A 284 8.01 6.54 14.07
N ALA A 285 8.32 5.66 13.13
CA ALA A 285 9.68 5.52 12.64
C ALA A 285 10.15 6.82 11.99
N THR A 286 11.47 6.90 11.79
CA THR A 286 12.07 8.07 11.17
C THR A 286 12.16 7.96 9.65
N GLU A 287 12.25 6.75 9.13
CA GLU A 287 12.44 6.55 7.69
C GLU A 287 11.08 6.58 7.00
N LEU A 288 10.92 7.51 6.06
CA LEU A 288 9.69 7.58 5.28
C LEU A 288 9.35 6.27 4.58
N PRO A 289 10.31 5.53 4.01
CA PRO A 289 9.98 4.23 3.41
C PRO A 289 9.30 3.27 4.37
N ILE A 290 9.49 3.45 5.68
CA ILE A 290 8.84 2.59 6.66
C ILE A 290 7.54 3.21 7.16
N VAL A 291 7.50 4.54 7.29
CA VAL A 291 6.31 5.20 7.80
C VAL A 291 5.17 5.09 6.80
N THR A 292 5.48 5.21 5.50
CA THR A 292 4.42 5.17 4.49
C THR A 292 3.63 3.87 4.56
N PRO A 293 4.25 2.69 4.43
CA PRO A 293 3.46 1.45 4.48
C PRO A 293 2.80 1.21 5.83
N ALA A 294 3.44 1.63 6.92
CA ALA A 294 2.81 1.49 8.23
C ALA A 294 1.54 2.33 8.32
N LEU A 295 1.58 3.55 7.80
CA LEU A 295 0.39 4.39 7.80
C LEU A 295 -0.68 3.80 6.89
N ARG A 296 -0.28 3.24 5.75
CA ARG A 296 -1.26 2.60 4.87
C ARG A 296 -1.93 1.43 5.59
N ALA A 297 -1.16 0.63 6.32
CA ALA A 297 -1.73 -0.49 7.05
C ALA A 297 -2.68 -0.02 8.14
N ILE A 298 -2.29 1.01 8.88
CA ILE A 298 -3.17 1.54 9.92
C ILE A 298 -4.47 2.05 9.31
N GLY A 299 -4.36 2.77 8.19
CA GLY A 299 -5.55 3.26 7.52
C GLY A 299 -6.47 2.13 7.07
N ASN A 300 -5.89 1.11 6.45
CA ASN A 300 -6.68 -0.05 6.06
C ASN A 300 -7.38 -0.67 7.26
N ILE A 301 -6.66 -0.79 8.38
CA ILE A 301 -7.24 -1.41 9.56
C ILE A 301 -8.42 -0.60 10.08
N VAL A 302 -8.28 0.73 10.09
CA VAL A 302 -9.35 1.56 10.64
C VAL A 302 -10.55 1.65 9.71
N THR A 303 -10.41 1.22 8.45
CA THR A 303 -11.56 1.16 7.56
C THR A 303 -12.51 0.02 7.92
N GLY A 304 -12.14 -0.83 8.86
CA GLY A 304 -12.96 -1.96 9.24
C GLY A 304 -14.00 -1.61 10.27
N THR A 305 -14.20 -2.52 11.23
CA THR A 305 -15.22 -2.30 12.26
C THR A 305 -14.70 -1.33 13.33
N ASP A 306 -15.63 -0.83 14.14
CA ASP A 306 -15.27 0.06 15.22
C ASP A 306 -14.40 -0.64 16.26
N GLU A 307 -14.53 -1.97 16.36
CA GLU A 307 -13.73 -2.70 17.35
C GLU A 307 -12.27 -2.81 16.91
N GLN A 308 -12.03 -2.99 15.61
CA GLN A 308 -10.66 -2.98 15.10
C GLN A 308 -10.07 -1.57 15.17
N THR A 309 -10.88 -0.56 14.85
CA THR A 309 -10.43 0.82 15.01
C THR A 309 -10.07 1.11 16.48
N GLN A 310 -10.85 0.55 17.41
CA GLN A 310 -10.54 0.73 18.82
C GLN A 310 -9.25 0.03 19.20
N LYS A 311 -9.02 -1.17 18.64
CA LYS A 311 -7.72 -1.83 18.84
C LYS A 311 -6.59 -0.93 18.37
N VAL A 312 -6.78 -0.26 17.23
CA VAL A 312 -5.75 0.65 16.72
C VAL A 312 -5.55 1.81 17.68
N ILE A 313 -6.65 2.39 18.17
CA ILE A 313 -6.54 3.54 19.06
C ILE A 313 -5.82 3.16 20.34
N ASP A 314 -6.16 1.99 20.90
CA ASP A 314 -5.53 1.56 22.15
C ASP A 314 -4.01 1.44 22.01
N ALA A 315 -3.53 1.15 20.81
CA ALA A 315 -2.09 1.06 20.58
C ALA A 315 -1.41 2.42 20.65
N GLY A 316 -2.16 3.51 20.62
CA GLY A 316 -1.59 4.84 20.70
C GLY A 316 -1.30 5.51 19.38
N ALA A 317 -1.99 5.10 18.31
CA ALA A 317 -1.69 5.65 17.00
C ALA A 317 -1.96 7.15 16.94
N LEU A 318 -3.04 7.59 17.59
CA LEU A 318 -3.43 8.99 17.51
C LEU A 318 -2.31 9.91 18.01
N ALA A 319 -1.57 9.47 19.03
CA ALA A 319 -0.50 10.30 19.58
C ALA A 319 0.57 10.62 18.53
N VAL A 320 0.60 9.89 17.42
CA VAL A 320 1.58 10.14 16.37
C VAL A 320 1.05 11.04 15.26
N PHE A 321 -0.24 11.35 15.27
CA PHE A 321 -0.83 12.08 14.17
C PHE A 321 -0.55 13.58 14.21
N PRO A 322 -0.21 14.18 15.36
CA PRO A 322 0.20 15.59 15.31
C PRO A 322 1.29 15.86 14.30
N SER A 323 2.24 14.95 14.14
CA SER A 323 3.31 15.11 13.17
C SER A 323 2.94 14.57 11.80
N LEU A 324 2.12 13.52 11.74
CA LEU A 324 1.71 12.98 10.44
C LEU A 324 0.81 13.96 9.69
N LEU A 325 -0.07 14.66 10.41
CA LEU A 325 -0.94 15.64 9.78
C LEU A 325 -0.20 16.90 9.38
N THR A 326 1.05 17.07 9.82
CA THR A 326 1.91 18.17 9.37
C THR A 326 3.16 17.65 8.67
N ASN A 327 3.15 16.38 8.26
CA ASN A 327 4.33 15.78 7.67
C ASN A 327 4.70 16.51 6.38
N PRO A 328 6.00 16.64 6.07
CA PRO A 328 6.38 17.35 4.84
C PRO A 328 5.91 16.63 3.57
N LYS A 329 5.89 15.30 3.56
CA LYS A 329 5.44 14.56 2.39
C LYS A 329 3.93 14.71 2.24
N THR A 330 3.50 15.26 1.11
CA THR A 330 2.07 15.49 0.90
C THR A 330 1.29 14.16 0.93
N ASN A 331 1.89 13.10 0.39
CA ASN A 331 1.22 11.80 0.42
C ASN A 331 0.98 11.35 1.85
N ILE A 332 1.95 11.59 2.74
CA ILE A 332 1.77 11.20 4.14
C ILE A 332 0.63 11.99 4.76
N GLN A 333 0.57 13.30 4.49
CA GLN A 333 -0.52 14.12 5.02
C GLN A 333 -1.87 13.62 4.52
N LYS A 334 -1.96 13.32 3.23
CA LYS A 334 -3.22 12.83 2.67
C LYS A 334 -3.62 11.51 3.31
N GLU A 335 -2.68 10.56 3.41
CA GLU A 335 -2.99 9.27 4.00
C GLU A 335 -3.42 9.42 5.45
N ALA A 336 -2.74 10.30 6.20
CA ALA A 336 -3.08 10.48 7.61
C ALA A 336 -4.44 11.14 7.76
N THR A 337 -4.78 12.10 6.91
CA THR A 337 -6.10 12.72 6.97
C THR A 337 -7.19 11.72 6.59
N TRP A 338 -6.90 10.83 5.64
CA TRP A 338 -7.84 9.77 5.31
C TRP A 338 -8.06 8.84 6.50
N THR A 339 -6.98 8.45 7.17
CA THR A 339 -7.12 7.64 8.38
C THR A 339 -7.93 8.36 9.45
N MET A 340 -7.67 9.66 9.63
CA MET A 340 -8.40 10.42 10.63
C MET A 340 -9.89 10.50 10.29
N SER A 341 -10.21 10.65 8.99
CA SER A 341 -11.60 10.68 8.58
C SER A 341 -12.27 9.34 8.84
N ASN A 342 -11.57 8.24 8.58
CA ASN A 342 -12.13 6.93 8.87
C ASN A 342 -12.29 6.71 10.37
N ILE A 343 -11.44 7.36 11.18
CA ILE A 343 -11.57 7.24 12.62
C ILE A 343 -12.76 8.05 13.14
N THR A 344 -12.95 9.25 12.59
CA THR A 344 -14.05 10.10 13.03
C THR A 344 -15.41 9.57 12.61
N ALA A 345 -15.46 8.57 11.74
CA ALA A 345 -16.71 7.95 11.33
C ALA A 345 -17.14 6.82 12.27
N GLY A 346 -16.47 6.68 13.41
CA GLY A 346 -16.76 5.63 14.35
C GLY A 346 -17.61 6.10 15.50
N ARG A 347 -17.53 5.36 16.62
CA ARG A 347 -18.33 5.65 17.79
C ARG A 347 -18.03 7.03 18.36
N GLN A 348 -18.78 7.44 19.38
CA GLN A 348 -18.57 8.76 19.97
C GLN A 348 -17.38 8.77 20.92
N ASP A 349 -17.12 7.66 21.62
CA ASP A 349 -15.94 7.59 22.48
C ASP A 349 -14.66 7.72 21.66
N GLN A 350 -14.67 7.23 20.41
CA GLN A 350 -13.50 7.36 19.56
C GLN A 350 -13.33 8.81 19.09
N ILE A 351 -14.44 9.48 18.80
CA ILE A 351 -14.35 10.91 18.47
C ILE A 351 -13.83 11.68 19.67
N GLN A 352 -14.24 11.30 20.88
CA GLN A 352 -13.74 11.96 22.07
C GLN A 352 -12.25 11.68 22.27
N GLN A 353 -11.80 10.47 21.92
CA GLN A 353 -10.37 10.18 21.95
C GLN A 353 -9.62 11.07 20.98
N VAL A 354 -10.17 11.24 19.77
CA VAL A 354 -9.56 12.15 18.80
C VAL A 354 -9.47 13.55 19.37
N VAL A 355 -10.53 14.00 20.05
CA VAL A 355 -10.55 15.34 20.63
C VAL A 355 -9.47 15.46 21.70
N ASN A 356 -9.40 14.48 22.60
CA ASN A 356 -8.47 14.56 23.73
C ASN A 356 -7.03 14.67 23.26
N HIS A 357 -6.69 13.96 22.19
CA HIS A 357 -5.34 14.03 21.65
C HIS A 357 -5.04 15.35 20.96
N GLY A 358 -6.00 16.28 20.94
CA GLY A 358 -5.77 17.58 20.34
C GLY A 358 -5.60 17.57 18.84
N LEU A 359 -6.30 16.68 18.15
CA LEU A 359 -6.17 16.56 16.71
C LEU A 359 -7.19 17.38 15.94
N VAL A 360 -8.25 17.87 16.60
CA VAL A 360 -9.20 18.76 15.93
C VAL A 360 -8.49 20.01 15.44
N PRO A 361 -7.63 20.67 16.22
CA PRO A 361 -6.87 21.80 15.67
C PRO A 361 -6.04 21.41 14.46
N PHE A 362 -5.46 20.21 14.46
CA PHE A 362 -4.68 19.78 13.32
C PHE A 362 -5.55 19.55 12.09
N LEU A 363 -6.76 19.03 12.29
CA LEU A 363 -7.69 18.89 11.17
C LEU A 363 -8.09 20.26 10.63
N VAL A 364 -8.32 21.23 11.52
CA VAL A 364 -8.61 22.59 11.09
C VAL A 364 -7.47 23.13 10.25
N GLY A 365 -6.23 22.95 10.73
CA GLY A 365 -5.08 23.43 10.00
C GLY A 365 -4.94 22.79 8.63
N VAL A 366 -5.12 21.46 8.57
CA VAL A 366 -5.03 20.77 7.29
C VAL A 366 -6.10 21.27 6.34
N LEU A 367 -7.32 21.51 6.84
CA LEU A 367 -8.37 22.03 6.00
C LEU A 367 -8.08 23.46 5.55
N SER A 368 -7.31 24.21 6.34
CA SER A 368 -7.02 25.60 6.00
C SER A 368 -5.93 25.70 4.94
N LYS A 369 -4.92 24.83 5.00
CA LYS A 369 -3.80 24.88 4.07
C LYS A 369 -3.21 23.49 3.92
N ALA A 370 -3.28 22.95 2.71
CA ALA A 370 -2.74 21.63 2.40
C ALA A 370 -3.12 21.33 0.95
N ASP A 371 -2.51 20.26 0.41
CA ASP A 371 -2.89 19.81 -0.92
C ASP A 371 -4.39 19.56 -0.99
N PHE A 372 -4.95 19.77 -2.18
CA PHE A 372 -6.41 19.70 -2.31
C PHE A 372 -6.95 18.33 -1.92
N LYS A 373 -6.20 17.27 -2.22
CA LYS A 373 -6.64 15.93 -1.84
C LYS A 373 -6.65 15.76 -0.32
N THR A 374 -5.62 16.29 0.35
CA THR A 374 -5.62 16.28 1.81
C THR A 374 -6.79 17.09 2.35
N GLN A 375 -7.10 18.22 1.70
CA GLN A 375 -8.24 19.02 2.14
C GLN A 375 -9.56 18.28 1.94
N LYS A 376 -9.67 17.48 0.89
CA LYS A 376 -10.88 16.69 0.69
C LYS A 376 -11.00 15.59 1.75
N GLU A 377 -9.89 14.93 2.06
CA GLU A 377 -9.92 13.96 3.16
C GLU A 377 -10.30 14.62 4.48
N ALA A 378 -9.82 15.86 4.69
CA ALA A 378 -10.17 16.58 5.91
C ALA A 378 -11.65 16.96 5.92
N ALA A 379 -12.20 17.35 4.77
CA ALA A 379 -13.62 17.64 4.70
C ALA A 379 -14.44 16.40 5.00
N TRP A 380 -14.03 15.25 4.47
CA TRP A 380 -14.70 14.00 4.80
C TRP A 380 -14.62 13.72 6.30
N ALA A 381 -13.45 13.95 6.91
CA ALA A 381 -13.30 13.74 8.34
C ALA A 381 -14.25 14.64 9.12
N ILE A 382 -14.35 15.90 8.73
CA ILE A 382 -15.21 16.85 9.44
C ILE A 382 -16.67 16.45 9.28
N THR A 383 -17.05 15.99 8.09
CA THR A 383 -18.43 15.58 7.88
C THR A 383 -18.78 14.37 8.74
N ASN A 384 -17.88 13.38 8.79
CA ASN A 384 -18.11 12.22 9.66
C ASN A 384 -18.20 12.65 11.13
N TYR A 385 -17.27 13.52 11.56
CA TYR A 385 -17.31 14.08 12.91
C TYR A 385 -18.68 14.66 13.22
N THR A 386 -19.16 15.56 12.36
CA THR A 386 -20.42 16.23 12.63
C THR A 386 -21.61 15.28 12.51
N SER A 387 -21.49 14.22 11.71
CA SER A 387 -22.59 13.28 11.56
C SER A 387 -22.72 12.37 12.78
N GLY A 388 -21.60 11.98 13.37
CA GLY A 388 -21.64 11.06 14.49
C GLY A 388 -21.25 11.67 15.83
N GLY A 389 -20.95 12.98 15.84
CA GLY A 389 -20.45 13.61 17.04
C GLY A 389 -21.54 13.99 18.02
N THR A 390 -21.09 14.29 19.23
CA THR A 390 -21.97 14.79 20.28
C THR A 390 -22.14 16.31 20.15
N VAL A 391 -23.34 16.79 20.45
CA VAL A 391 -23.62 18.22 20.38
C VAL A 391 -22.45 19.00 20.99
N GLU A 392 -21.99 18.57 22.16
CA GLU A 392 -20.82 19.21 22.76
C GLU A 392 -19.61 19.10 21.84
N GLN A 393 -19.46 17.97 21.14
CA GLN A 393 -18.32 17.79 20.27
C GLN A 393 -18.40 18.68 19.04
N ILE A 394 -19.59 18.83 18.45
CA ILE A 394 -19.74 19.74 17.33
C ILE A 394 -19.45 21.16 17.80
N VAL A 395 -19.91 21.52 19.01
CA VAL A 395 -19.64 22.85 19.55
C VAL A 395 -18.13 23.07 19.66
N TYR A 396 -17.43 22.08 20.22
CA TYR A 396 -15.98 22.20 20.36
C TYR A 396 -15.31 22.35 19.01
N LEU A 397 -15.75 21.56 18.03
CA LEU A 397 -15.17 21.65 16.69
C LEU A 397 -15.34 23.05 16.12
N VAL A 398 -16.55 23.61 16.25
CA VAL A 398 -16.79 24.95 15.73
C VAL A 398 -15.93 25.97 16.48
N HIS A 399 -15.77 25.78 17.79
CA HIS A 399 -14.96 26.68 18.58
C HIS A 399 -13.49 26.63 18.19
N CYS A 400 -13.04 25.54 17.57
CA CYS A 400 -11.66 25.43 17.11
C CYS A 400 -11.42 26.20 15.82
N GLY A 401 -12.46 26.75 15.20
CA GLY A 401 -12.29 27.60 14.04
C GLY A 401 -12.37 26.87 12.72
N ILE A 402 -13.32 25.94 12.60
CA ILE A 402 -13.47 25.18 11.37
C ILE A 402 -14.39 25.88 10.37
N ILE A 403 -15.28 26.77 10.83
CA ILE A 403 -16.30 27.33 9.95
C ILE A 403 -15.66 28.15 8.84
N GLU A 404 -14.71 29.01 9.20
CA GLU A 404 -14.12 29.86 8.16
C GLU A 404 -13.42 29.05 7.08
N PRO A 405 -12.52 28.13 7.39
CA PRO A 405 -11.89 27.34 6.31
C PRO A 405 -12.86 26.42 5.60
N LEU A 406 -13.85 25.88 6.30
CA LEU A 406 -14.85 25.05 5.66
C LEU A 406 -15.63 25.87 4.63
N MET A 407 -15.93 27.15 4.90
CA MET A 407 -16.54 27.90 3.82
C MET A 407 -15.50 28.28 2.78
N ASN A 408 -14.24 28.51 3.18
CA ASN A 408 -13.21 28.86 2.20
C ASN A 408 -13.13 27.79 1.11
N LEU A 409 -13.19 26.51 1.49
CA LEU A 409 -13.17 25.49 0.44
C LEU A 409 -14.44 25.44 -0.38
N LEU A 410 -15.48 26.22 -0.07
CA LEU A 410 -16.68 26.18 -0.91
C LEU A 410 -16.41 26.71 -2.31
N SER A 411 -15.32 27.45 -2.50
CA SER A 411 -14.92 27.91 -3.82
C SER A 411 -14.22 26.83 -4.64
N ALA A 412 -14.09 25.62 -4.11
CA ALA A 412 -13.46 24.53 -4.84
C ALA A 412 -14.24 24.25 -6.12
N LYS A 413 -13.54 23.65 -7.09
CA LYS A 413 -14.12 23.31 -8.38
C LYS A 413 -14.33 21.80 -8.50
N ASP A 414 -14.71 21.16 -7.39
CA ASP A 414 -14.98 19.73 -7.35
C ASP A 414 -16.34 19.54 -6.69
N THR A 415 -17.29 18.96 -7.41
CA THR A 415 -18.66 18.86 -6.90
C THR A 415 -18.73 18.02 -5.63
N LYS A 416 -17.93 16.95 -5.56
CA LYS A 416 -18.04 16.04 -4.42
C LYS A 416 -17.65 16.74 -3.12
N ILE A 417 -16.57 17.51 -3.15
CA ILE A 417 -16.16 18.16 -1.91
C ILE A 417 -17.18 19.23 -1.50
N ILE A 418 -17.80 19.89 -2.47
CA ILE A 418 -18.84 20.87 -2.11
C ILE A 418 -20.02 20.15 -1.47
N GLN A 419 -20.40 18.99 -2.01
CA GLN A 419 -21.46 18.21 -1.39
C GLN A 419 -21.10 17.83 0.04
N VAL A 420 -19.85 17.41 0.26
CA VAL A 420 -19.42 17.03 1.60
C VAL A 420 -19.46 18.24 2.53
N ILE A 421 -18.99 19.39 2.05
CA ILE A 421 -18.96 20.61 2.86
C ILE A 421 -20.38 20.97 3.29
N LEU A 422 -21.32 20.94 2.33
CA LEU A 422 -22.70 21.29 2.66
C LEU A 422 -23.36 20.26 3.56
N ASP A 423 -22.99 18.98 3.41
CA ASP A 423 -23.54 17.96 4.30
C ASP A 423 -23.05 18.19 5.73
N ALA A 424 -21.77 18.54 5.90
CA ALA A 424 -21.26 18.91 7.22
C ALA A 424 -21.95 20.16 7.75
N ILE A 425 -22.20 21.14 6.88
CA ILE A 425 -22.90 22.34 7.32
C ILE A 425 -24.28 21.99 7.82
N SER A 426 -24.98 21.08 7.13
CA SER A 426 -26.29 20.64 7.57
C SER A 426 -26.20 19.99 8.95
N ASN A 427 -25.20 19.13 9.15
CA ASN A 427 -25.03 18.50 10.46
C ASN A 427 -24.82 19.54 11.55
N ILE A 428 -23.95 20.52 11.28
CA ILE A 428 -23.64 21.53 12.30
C ILE A 428 -24.87 22.38 12.59
N PHE A 429 -25.65 22.72 11.55
CA PHE A 429 -26.85 23.50 11.77
C PHE A 429 -27.89 22.72 12.56
N GLN A 430 -27.96 21.41 12.34
CA GLN A 430 -28.84 20.58 13.15
C GLN A 430 -28.41 20.60 14.62
N ALA A 431 -27.11 20.49 14.85
CA ALA A 431 -26.61 20.59 16.23
C ALA A 431 -26.96 21.93 16.85
N ALA A 432 -26.84 23.01 16.06
CA ALA A 432 -27.15 24.35 16.58
C ALA A 432 -28.65 24.47 16.88
N GLU A 433 -29.50 23.94 16.00
CA GLU A 433 -30.94 23.93 16.28
C GLU A 433 -31.22 23.19 17.58
N LYS A 434 -30.58 22.04 17.77
CA LYS A 434 -30.73 21.32 19.04
C LYS A 434 -30.35 22.21 20.22
N LEU A 435 -29.19 22.86 20.13
CA LEU A 435 -28.69 23.69 21.22
C LEU A 435 -29.35 25.06 21.29
N GLY A 436 -30.07 25.46 20.24
CA GLY A 436 -30.75 26.74 20.26
C GLY A 436 -29.90 27.93 19.87
N GLU A 437 -28.82 27.72 19.12
CA GLU A 437 -27.93 28.79 18.70
C GLU A 437 -27.82 28.87 17.19
N THR A 438 -28.88 28.48 16.48
CA THR A 438 -28.85 28.49 15.03
C THR A 438 -28.55 29.88 14.49
N GLU A 439 -29.08 30.91 15.15
CA GLU A 439 -28.81 32.28 14.70
C GLU A 439 -27.34 32.63 14.86
N LYS A 440 -26.69 32.12 15.91
CA LYS A 440 -25.27 32.37 16.09
C LYS A 440 -24.47 31.82 14.91
N LEU A 441 -24.71 30.57 14.53
CA LEU A 441 -24.00 29.99 13.40
C LEU A 441 -24.37 30.68 12.08
N SER A 442 -25.62 31.10 11.95
CA SER A 442 -26.01 31.87 10.77
C SER A 442 -25.15 33.13 10.65
N ILE A 443 -25.06 33.90 11.74
CA ILE A 443 -24.25 35.11 11.74
C ILE A 443 -22.79 34.78 11.46
N MET A 444 -22.31 33.68 12.02
CA MET A 444 -20.92 33.27 11.78
C MET A 444 -20.69 33.04 10.30
N ILE A 445 -21.46 32.14 9.70
CA ILE A 445 -21.26 31.79 8.29
C ILE A 445 -21.46 33.00 7.39
N GLU A 446 -22.29 33.96 7.82
CA GLU A 446 -22.50 35.15 7.01
C GLU A 446 -21.37 36.16 7.18
N GLU A 447 -20.66 36.14 8.31
CA GLU A 447 -19.64 37.13 8.56
C GLU A 447 -18.33 36.79 7.86
N CYS A 448 -17.98 35.51 7.77
CA CYS A 448 -16.74 35.09 7.14
C CYS A 448 -16.83 35.08 5.62
N GLY A 449 -17.96 35.50 5.05
CA GLY A 449 -18.10 35.53 3.61
C GLY A 449 -18.45 34.21 2.96
N GLY A 450 -18.99 33.27 3.73
CA GLY A 450 -19.33 31.97 3.20
C GLY A 450 -20.73 31.90 2.61
N LEU A 451 -21.67 32.58 3.27
CA LEU A 451 -23.04 32.62 2.75
C LEU A 451 -23.11 33.29 1.39
N ASP A 452 -22.17 34.16 1.07
CA ASP A 452 -22.05 34.61 -0.31
C ASP A 452 -21.82 33.42 -1.23
N LYS A 453 -20.90 32.53 -0.85
CA LYS A 453 -20.63 31.35 -1.65
C LYS A 453 -21.82 30.41 -1.69
N ILE A 454 -22.60 30.32 -0.62
CA ILE A 454 -23.76 29.45 -0.62
C ILE A 454 -24.84 30.02 -1.54
N GLU A 455 -25.06 31.34 -1.49
CA GLU A 455 -25.99 31.96 -2.43
C GLU A 455 -25.53 31.71 -3.86
N ALA A 456 -24.23 31.81 -4.12
CA ALA A 456 -23.72 31.53 -5.46
C ALA A 456 -24.00 30.09 -5.88
N LEU A 457 -23.67 29.14 -5.01
CA LEU A 457 -23.91 27.73 -5.31
C LEU A 457 -25.39 27.43 -5.45
N GLN A 458 -26.27 28.26 -4.90
CA GLN A 458 -27.70 28.08 -5.09
C GLN A 458 -28.05 27.82 -6.55
N ARG A 459 -27.29 28.41 -7.47
CA ARG A 459 -27.46 28.16 -8.90
C ARG A 459 -26.31 27.30 -9.41
N HIS A 460 -26.14 26.11 -8.85
CA HIS A 460 -25.06 25.20 -9.20
C HIS A 460 -25.55 24.12 -10.16
N GLU A 461 -24.64 23.65 -11.01
CA GLU A 461 -25.00 22.65 -12.01
C GLU A 461 -25.56 21.40 -11.35
N ASN A 462 -24.78 20.76 -10.48
CA ASN A 462 -25.24 19.55 -9.80
C ASN A 462 -26.52 19.84 -9.03
N GLU A 463 -27.43 18.86 -9.03
CA GLU A 463 -28.72 19.05 -8.36
C GLU A 463 -28.62 18.81 -6.86
N SER A 464 -27.70 17.94 -6.42
CA SER A 464 -27.58 17.67 -4.99
C SER A 464 -27.12 18.91 -4.24
N VAL A 465 -26.01 19.52 -4.68
CA VAL A 465 -25.53 20.74 -4.05
C VAL A 465 -26.55 21.85 -4.20
N TYR A 466 -27.20 21.93 -5.36
CA TYR A 466 -28.29 22.88 -5.58
C TYR A 466 -29.31 22.79 -4.45
N LYS A 467 -29.87 21.59 -4.26
CA LYS A 467 -30.92 21.42 -3.26
C LYS A 467 -30.40 21.67 -1.85
N ALA A 468 -29.19 21.21 -1.56
CA ALA A 468 -28.65 21.37 -0.21
C ALA A 468 -28.49 22.85 0.11
N SER A 469 -27.88 23.63 -0.82
CA SER A 469 -27.63 25.03 -0.47
C SER A 469 -28.92 25.78 -0.46
N LEU A 470 -29.85 25.39 -1.32
CA LEU A 470 -31.15 26.03 -1.32
C LEU A 470 -31.87 25.81 0.01
N ASN A 471 -31.89 24.56 0.50
CA ASN A 471 -32.51 24.28 1.78
C ASN A 471 -31.84 25.07 2.90
N LEU A 472 -30.51 25.15 2.88
CA LEU A 472 -29.80 25.92 3.89
C LEU A 472 -30.24 27.38 3.85
N ILE A 473 -30.17 28.00 2.68
CA ILE A 473 -30.49 29.42 2.57
C ILE A 473 -31.94 29.69 2.93
N GLU A 474 -32.83 28.74 2.68
CA GLU A 474 -34.24 28.96 2.95
C GLU A 474 -34.62 28.70 4.40
N LYS A 475 -33.92 27.77 5.06
CA LYS A 475 -34.26 27.41 6.43
C LYS A 475 -33.45 28.17 7.47
N TYR A 476 -32.40 28.89 7.06
CA TYR A 476 -31.58 29.61 8.02
C TYR A 476 -31.36 31.08 7.69
N PHE A 477 -31.85 31.55 6.54
CA PHE A 477 -31.63 32.93 6.13
C PHE A 477 -32.85 33.40 5.34
N SER A 478 -33.93 33.64 6.07
CA SER A 478 -35.18 34.10 5.47
C SER A 478 -35.94 35.00 6.44
N ALA B 2 -21.03 9.50 9.32
CA ALA B 2 -20.46 8.40 10.09
C ALA B 2 -20.34 7.15 9.21
N LYS B 3 -19.84 7.32 8.00
CA LYS B 3 -19.68 6.25 7.03
C LYS B 3 -18.21 6.14 6.63
N LYS B 4 -17.67 4.94 6.71
CA LYS B 4 -16.26 4.71 6.40
C LYS B 4 -16.07 4.49 4.90
N ARG B 5 -14.87 4.82 4.42
CA ARG B 5 -14.56 4.76 3.00
C ARG B 5 -13.22 4.05 2.79
N VAL B 6 -12.74 4.01 1.56
CA VAL B 6 -11.46 3.38 1.26
C VAL B 6 -10.64 4.28 0.34
N TYR B 30 3.87 3.17 -3.91
CA TYR B 30 3.87 1.71 -3.98
C TYR B 30 5.27 1.19 -4.26
N PRO B 31 5.59 0.01 -3.73
CA PRO B 31 6.90 -0.59 -3.99
C PRO B 31 6.92 -1.30 -5.34
N LYS B 32 8.13 -1.64 -5.78
CA LYS B 32 8.31 -2.28 -7.06
C LYS B 32 7.57 -3.61 -7.12
N LYS B 33 6.78 -3.80 -8.18
CA LYS B 33 6.13 -5.08 -8.40
C LYS B 33 7.08 -6.11 -9.00
N LYS B 34 8.01 -5.67 -9.83
CA LYS B 34 9.02 -6.52 -10.43
C LYS B 34 10.37 -5.84 -10.31
N LYS B 35 11.43 -6.66 -10.26
CA LYS B 35 12.79 -6.15 -10.08
C LYS B 35 13.75 -6.95 -10.95
N ALA B 36 14.58 -6.23 -11.70
CA ALA B 36 15.66 -6.84 -12.47
C ALA B 36 16.95 -6.73 -11.67
N ARG B 37 17.74 -7.82 -11.69
CA ARG B 37 19.06 -7.81 -11.07
C ARG B 37 20.05 -7.20 -12.05
N ILE B 38 20.51 -5.99 -11.76
CA ILE B 38 21.36 -5.22 -12.66
C ILE B 38 22.74 -5.06 -12.04
N GLU B 39 23.74 -4.91 -12.90
CA GLU B 39 25.11 -4.68 -12.46
C GLU B 39 25.57 -3.28 -12.87
#